data_1QOK
#
_entry.id   1QOK
#
_cell.length_a   61.700
_cell.length_b   61.700
_cell.length_c   128.000
_cell.angle_alpha   90.00
_cell.angle_beta   90.00
_cell.angle_gamma   120.00
#
_symmetry.space_group_name_H-M   'P 32 2 1'
#
loop_
_entity.id
_entity.type
_entity.pdbx_description
1 polymer 'MFE-23 RECOMBINANT ANTIBODY FRAGMENT'
2 water water
#
_entity_poly.entity_id   1
_entity_poly.type   'polypeptide(L)'
_entity_poly.pdbx_seq_one_letter_code
;ETVIMKYLLPTAAAGLLLLAAQPAMAQVKLQQSGAELVRSGTSVKLSCTASGFNIKDSYMHWLRQGPEQGLEWIGWIDPE
NGDTEYAPKFQGKATFTTDTSSNTAYLQLSSLTSEDTAVYYCNEGTPTGPYYFDYWGQGTTVTVSSGGGGSGGGGSGGGG
SENVLTQSPAIMSASPGEKVTITCSASSSVSYMHWFQQKPGTSPKLWIYSTSNLASGVPARFSGSGSGTSYSLTISRMEA
EDAATYYCQQRSSYPLTFGAGTKLELKRAAAEQKLISEEDLN
;
_entity_poly.pdbx_strand_id   A
#
# COMPACT_ATOMS: atom_id res chain seq x y z
N GLN A 27 -14.91 -11.92 -9.70
CA GLN A 27 -13.64 -11.15 -9.55
C GLN A 27 -13.90 -9.87 -8.76
N VAL A 28 -12.98 -9.55 -7.84
CA VAL A 28 -13.10 -8.36 -7.01
C VAL A 28 -12.42 -7.19 -7.70
N LYS A 29 -13.06 -6.05 -7.66
CA LYS A 29 -12.51 -4.86 -8.25
C LYS A 29 -12.88 -3.72 -7.38
N LEU A 30 -11.90 -2.85 -7.17
CA LEU A 30 -12.15 -1.66 -6.40
C LEU A 30 -11.93 -0.55 -7.42
N GLN A 31 -13.01 0.14 -7.77
CA GLN A 31 -12.94 1.16 -8.80
C GLN A 31 -12.97 2.54 -8.20
N GLN A 32 -11.92 3.32 -8.45
CA GLN A 32 -11.84 4.66 -7.93
C GLN A 32 -12.30 5.68 -8.94
N SER A 33 -12.62 6.88 -8.46
CA SER A 33 -13.07 7.96 -9.31
C SER A 33 -11.87 8.53 -10.06
N GLY A 34 -12.15 9.27 -11.12
CA GLY A 34 -11.09 9.82 -11.95
C GLY A 34 -10.23 10.93 -11.38
N ALA A 35 -9.18 11.28 -12.12
CA ALA A 35 -8.25 12.34 -11.75
C ALA A 35 -8.97 13.62 -11.35
N GLU A 36 -8.35 14.40 -10.49
CA GLU A 36 -8.92 15.65 -10.04
C GLU A 36 -7.86 16.72 -10.19
N LEU A 37 -8.25 17.85 -10.77
CA LEU A 37 -7.32 18.96 -10.91
C LEU A 37 -7.96 20.00 -10.03
N VAL A 38 -7.27 20.39 -8.97
CA VAL A 38 -7.84 21.35 -8.04
C VAL A 38 -6.86 22.42 -7.65
N ARG A 39 -7.38 23.51 -7.13
CA ARG A 39 -6.54 24.61 -6.72
C ARG A 39 -6.29 24.50 -5.23
N SER A 40 -5.08 24.86 -4.85
CA SER A 40 -4.65 24.85 -3.48
C SER A 40 -5.73 25.52 -2.63
N GLY A 41 -5.96 24.99 -1.43
CA GLY A 41 -6.96 25.57 -0.56
C GLY A 41 -8.30 24.86 -0.55
N THR A 42 -8.60 24.09 -1.59
CA THR A 42 -9.87 23.39 -1.63
C THR A 42 -9.86 21.97 -1.05
N SER A 43 -11.03 21.34 -1.11
CA SER A 43 -11.28 20.01 -0.61
C SER A 43 -11.78 19.16 -1.76
N VAL A 44 -11.52 17.86 -1.73
CA VAL A 44 -12.00 16.94 -2.76
C VAL A 44 -12.60 15.77 -2.03
N LYS A 45 -13.39 14.99 -2.75
CA LYS A 45 -13.99 13.81 -2.20
C LYS A 45 -13.79 12.77 -3.28
N LEU A 46 -13.05 11.73 -2.94
CA LEU A 46 -12.79 10.67 -3.89
C LEU A 46 -13.67 9.52 -3.46
N SER A 47 -13.94 8.61 -4.36
CA SER A 47 -14.76 7.48 -4.03
C SER A 47 -14.04 6.23 -4.49
N CYS A 48 -14.49 5.10 -3.98
CA CYS A 48 -13.93 3.80 -4.26
C CYS A 48 -15.08 2.85 -4.09
N THR A 49 -15.46 2.20 -5.18
CA THR A 49 -16.58 1.30 -5.11
C THR A 49 -16.11 -0.11 -5.36
N ALA A 50 -16.51 -1.02 -4.48
CA ALA A 50 -16.10 -2.41 -4.62
C ALA A 50 -17.11 -3.21 -5.40
N SER A 51 -16.61 -4.24 -6.06
CA SER A 51 -17.44 -5.11 -6.86
C SER A 51 -16.99 -6.53 -6.55
N GLY A 52 -17.96 -7.42 -6.30
CA GLY A 52 -17.63 -8.79 -5.99
C GLY A 52 -17.07 -8.99 -4.59
N PHE A 53 -17.23 -7.97 -3.75
CA PHE A 53 -16.74 -8.01 -2.39
C PHE A 53 -17.57 -7.00 -1.62
N ASN A 54 -17.96 -7.34 -0.40
CA ASN A 54 -18.75 -6.41 0.37
C ASN A 54 -17.79 -5.65 1.28
N ILE A 55 -17.66 -4.35 1.07
CA ILE A 55 -16.73 -3.54 1.86
C ILE A 55 -16.96 -3.65 3.36
N LYS A 56 -18.18 -4.00 3.73
CA LYS A 56 -18.58 -4.16 5.12
C LYS A 56 -17.85 -5.33 5.81
N ASP A 57 -17.36 -6.27 5.01
CA ASP A 57 -16.66 -7.44 5.52
C ASP A 57 -15.23 -7.22 5.99
N SER A 58 -14.72 -6.01 5.91
CA SER A 58 -13.37 -5.79 6.36
C SER A 58 -13.18 -4.30 6.66
N TYR A 59 -11.96 -3.80 6.49
CA TYR A 59 -11.71 -2.39 6.74
C TYR A 59 -11.14 -1.80 5.47
N MET A 60 -11.69 -0.65 5.09
CA MET A 60 -11.25 0.01 3.88
C MET A 60 -10.10 0.94 4.24
N HIS A 61 -8.92 0.69 3.69
CA HIS A 61 -7.74 1.53 3.93
C HIS A 61 -7.60 2.56 2.79
N TRP A 62 -7.05 3.72 3.12
CA TRP A 62 -6.81 4.76 2.15
C TRP A 62 -5.33 5.10 2.27
N LEU A 63 -4.63 5.05 1.15
CA LEU A 63 -3.19 5.35 1.14
C LEU A 63 -2.91 6.34 0.04
N ARG A 64 -1.69 6.85 0.00
CA ARG A 64 -1.31 7.85 -0.98
C ARG A 64 0.13 7.63 -1.42
N GLN A 65 0.40 7.75 -2.71
CA GLN A 65 1.76 7.57 -3.19
C GLN A 65 2.26 8.89 -3.79
N GLY A 66 3.17 9.55 -3.08
CA GLY A 66 3.71 10.81 -3.54
C GLY A 66 4.59 10.67 -4.75
N PRO A 67 5.08 11.82 -5.30
CA PRO A 67 5.95 11.91 -6.47
C PRO A 67 7.26 11.18 -6.21
N GLU A 68 7.75 11.26 -4.97
CA GLU A 68 8.96 10.55 -4.62
C GLU A 68 8.70 9.03 -4.65
N GLN A 69 7.44 8.65 -4.86
CA GLN A 69 6.98 7.25 -4.96
C GLN A 69 6.94 6.47 -3.64
N GLY A 70 6.89 7.20 -2.54
CA GLY A 70 6.82 6.56 -1.23
C GLY A 70 5.35 6.47 -0.87
N LEU A 71 4.96 5.34 -0.27
CA LEU A 71 3.59 5.09 0.15
C LEU A 71 3.30 5.56 1.58
N GLU A 72 2.21 6.29 1.76
CA GLU A 72 1.82 6.76 3.09
C GLU A 72 0.44 6.26 3.39
N TRP A 73 0.25 5.77 4.60
CA TRP A 73 -1.04 5.28 5.01
C TRP A 73 -1.83 6.48 5.54
N ILE A 74 -3.12 6.55 5.21
CA ILE A 74 -3.96 7.65 5.67
C ILE A 74 -4.85 7.18 6.82
N GLY A 75 -5.32 5.94 6.74
CA GLY A 75 -6.18 5.38 7.78
C GLY A 75 -7.15 4.36 7.23
N TRP A 76 -8.08 3.91 8.07
CA TRP A 76 -9.12 2.98 7.66
C TRP A 76 -10.47 3.34 8.28
N ILE A 77 -11.53 2.79 7.70
CA ILE A 77 -12.86 3.00 8.21
C ILE A 77 -13.51 1.61 8.20
N ASP A 78 -14.26 1.30 9.24
CA ASP A 78 -14.99 0.03 9.35
C ASP A 78 -16.33 0.40 8.77
N PRO A 79 -16.59 -0.01 7.52
CA PRO A 79 -17.85 0.28 6.85
C PRO A 79 -19.09 -0.24 7.56
N GLU A 80 -18.91 -1.11 8.53
CA GLU A 80 -20.04 -1.69 9.26
C GLU A 80 -20.57 -0.79 10.38
N ASN A 81 -19.67 -0.19 11.13
CA ASN A 81 -20.07 0.68 12.24
C ASN A 81 -19.45 2.06 12.15
N GLY A 82 -18.78 2.33 11.04
CA GLY A 82 -18.17 3.64 10.90
C GLY A 82 -16.97 3.93 11.79
N ASP A 83 -16.34 2.92 12.36
CA ASP A 83 -15.16 3.19 13.17
C ASP A 83 -14.08 3.61 12.20
N THR A 84 -13.24 4.56 12.59
CA THR A 84 -12.19 5.01 11.71
C THR A 84 -10.91 5.09 12.51
N GLU A 85 -9.79 5.07 11.80
CA GLU A 85 -8.47 5.17 12.41
C GLU A 85 -7.70 6.00 11.39
N TYR A 86 -7.25 7.18 11.82
CA TYR A 86 -6.50 8.06 10.92
C TYR A 86 -5.07 8.09 11.39
N ALA A 87 -4.15 8.08 10.45
CA ALA A 87 -2.74 8.19 10.78
C ALA A 87 -2.68 9.60 11.39
N PRO A 88 -1.77 9.82 12.34
CA PRO A 88 -1.73 11.16 12.93
C PRO A 88 -1.53 12.31 11.93
N LYS A 89 -0.72 12.07 10.90
CA LYS A 89 -0.43 13.09 9.88
C LYS A 89 -1.68 13.52 9.12
N PHE A 90 -2.67 12.66 9.07
CA PHE A 90 -3.87 13.00 8.35
C PHE A 90 -5.07 13.32 9.20
N GLN A 91 -4.92 13.22 10.53
CA GLN A 91 -6.01 13.52 11.45
C GLN A 91 -6.34 14.97 11.21
N GLY A 92 -7.60 15.23 10.83
CA GLY A 92 -8.03 16.59 10.56
C GLY A 92 -8.15 16.89 9.07
N LYS A 93 -7.16 16.42 8.31
CA LYS A 93 -7.12 16.62 6.87
C LYS A 93 -8.03 15.63 6.12
N ALA A 94 -8.09 14.39 6.58
CA ALA A 94 -8.92 13.40 5.92
C ALA A 94 -10.17 13.05 6.69
N THR A 95 -11.20 12.65 5.97
CA THR A 95 -12.47 12.26 6.56
C THR A 95 -12.99 11.08 5.76
N PHE A 96 -13.21 9.95 6.42
CA PHE A 96 -13.72 8.77 5.72
C PHE A 96 -15.20 8.64 6.01
N THR A 97 -15.94 8.28 5.00
CA THR A 97 -17.38 8.04 5.12
C THR A 97 -17.62 6.92 4.12
N THR A 98 -18.75 6.25 4.25
CA THR A 98 -19.08 5.12 3.37
C THR A 98 -20.56 5.20 3.05
N ASP A 99 -20.97 4.40 2.07
CA ASP A 99 -22.35 4.26 1.62
C ASP A 99 -22.43 2.81 1.29
N THR A 100 -22.68 2.03 2.33
CA THR A 100 -22.75 0.60 2.17
C THR A 100 -23.81 0.18 1.16
N SER A 101 -24.86 0.99 1.00
CA SER A 101 -25.96 0.73 0.06
C SER A 101 -25.41 0.59 -1.36
N SER A 102 -24.41 1.40 -1.69
CA SER A 102 -23.78 1.37 -3.00
C SER A 102 -22.42 0.66 -2.93
N ASN A 103 -22.04 0.28 -1.71
CA ASN A 103 -20.78 -0.43 -1.47
C ASN A 103 -19.66 0.50 -1.93
N THR A 104 -19.66 1.70 -1.37
CA THR A 104 -18.69 2.70 -1.77
C THR A 104 -18.14 3.41 -0.57
N ALA A 105 -16.84 3.69 -0.62
CA ALA A 105 -16.13 4.42 0.43
C ALA A 105 -15.72 5.75 -0.17
N TYR A 106 -15.72 6.80 0.63
CA TYR A 106 -15.36 8.12 0.17
C TYR A 106 -14.20 8.64 0.98
N LEU A 107 -13.31 9.39 0.35
CA LEU A 107 -12.20 9.98 1.06
C LEU A 107 -12.28 11.50 0.82
N GLN A 108 -12.42 12.27 1.88
CA GLN A 108 -12.48 13.70 1.71
C GLN A 108 -11.24 14.35 2.27
N LEU A 109 -10.51 15.04 1.41
CA LEU A 109 -9.29 15.72 1.83
C LEU A 109 -9.64 17.18 1.88
N SER A 110 -9.05 17.86 2.84
CA SER A 110 -9.33 19.26 3.02
C SER A 110 -8.07 20.08 2.91
N SER A 111 -8.29 21.37 2.65
CA SER A 111 -7.25 22.39 2.53
C SER A 111 -6.06 21.91 1.77
N LEU A 112 -6.30 21.29 0.63
CA LEU A 112 -5.22 20.78 -0.17
C LEU A 112 -4.12 21.81 -0.40
N THR A 113 -2.91 21.31 -0.62
CA THR A 113 -1.77 22.16 -0.89
C THR A 113 -1.02 21.39 -1.96
N SER A 114 -0.01 22.02 -2.56
CA SER A 114 0.74 21.33 -3.61
C SER A 114 1.39 20.07 -3.05
N GLU A 115 1.61 20.05 -1.74
CA GLU A 115 2.19 18.90 -1.08
C GLU A 115 1.29 17.66 -1.13
N ASP A 116 0.00 17.85 -1.34
CA ASP A 116 -0.89 16.72 -1.37
C ASP A 116 -1.09 16.16 -2.76
N THR A 117 -0.37 16.69 -3.73
CA THR A 117 -0.50 16.18 -5.07
C THR A 117 0.00 14.75 -5.00
N ALA A 118 -0.81 13.79 -5.39
CA ALA A 118 -0.39 12.39 -5.30
C ALA A 118 -1.43 11.48 -5.91
N VAL A 119 -1.17 10.18 -5.83
CA VAL A 119 -2.10 9.16 -6.28
C VAL A 119 -2.64 8.58 -4.98
N TYR A 120 -3.96 8.64 -4.85
CA TYR A 120 -4.65 8.16 -3.66
C TYR A 120 -5.28 6.82 -4.00
N TYR A 121 -5.05 5.84 -3.12
CA TYR A 121 -5.57 4.49 -3.31
C TYR A 121 -6.47 4.05 -2.17
N CYS A 122 -7.44 3.21 -2.49
CA CYS A 122 -8.30 2.63 -1.47
C CYS A 122 -7.79 1.17 -1.46
N ASN A 123 -7.81 0.49 -0.33
CA ASN A 123 -7.23 -0.87 -0.24
C ASN A 123 -7.97 -1.65 0.81
N GLU A 124 -8.33 -2.88 0.47
CA GLU A 124 -9.04 -3.73 1.41
C GLU A 124 -8.56 -5.15 1.26
N GLY A 125 -8.36 -5.82 2.39
CA GLY A 125 -7.90 -7.19 2.37
C GLY A 125 -8.43 -7.94 3.55
N THR A 126 -7.75 -9.02 3.92
CA THR A 126 -8.11 -9.88 5.04
C THR A 126 -8.26 -9.05 6.31
N PRO A 127 -9.41 -9.16 6.98
CA PRO A 127 -9.64 -8.41 8.22
C PRO A 127 -8.94 -8.93 9.47
N THR A 128 -8.71 -10.24 9.52
CA THR A 128 -8.08 -10.85 10.68
C THR A 128 -7.26 -12.05 10.28
N GLY A 129 -6.24 -12.34 11.06
CA GLY A 129 -5.44 -13.52 10.76
C GLY A 129 -4.44 -13.26 9.68
N PRO A 130 -3.87 -14.30 9.05
CA PRO A 130 -2.89 -14.08 8.01
C PRO A 130 -3.49 -13.19 6.92
N TYR A 131 -2.73 -12.19 6.49
CA TYR A 131 -3.17 -11.25 5.48
C TYR A 131 -2.99 -11.93 4.14
N TYR A 132 -3.89 -12.87 3.84
CA TYR A 132 -3.78 -13.65 2.61
C TYR A 132 -4.44 -13.12 1.33
N PHE A 133 -5.31 -12.13 1.43
CA PHE A 133 -5.91 -11.58 0.23
C PHE A 133 -5.86 -10.06 0.38
N ASP A 134 -5.75 -9.36 -0.74
CA ASP A 134 -5.56 -7.92 -0.70
C ASP A 134 -5.93 -7.34 -2.07
N TYR A 135 -6.75 -6.30 -2.08
CA TYR A 135 -7.20 -5.65 -3.31
C TYR A 135 -6.93 -4.15 -3.27
N TRP A 136 -6.47 -3.61 -4.38
CA TRP A 136 -6.21 -2.19 -4.44
C TRP A 136 -7.06 -1.56 -5.51
N GLY A 137 -7.42 -0.29 -5.31
CA GLY A 137 -8.15 0.43 -6.33
C GLY A 137 -7.08 0.81 -7.36
N GLN A 138 -7.49 1.32 -8.50
CA GLN A 138 -6.50 1.67 -9.51
C GLN A 138 -5.79 2.98 -9.22
N GLY A 139 -6.26 3.71 -8.21
CA GLY A 139 -5.66 4.99 -7.89
C GLY A 139 -6.38 6.16 -8.51
N THR A 140 -6.34 7.29 -7.83
CA THR A 140 -6.97 8.51 -8.30
C THR A 140 -5.89 9.57 -8.16
N THR A 141 -5.45 10.18 -9.26
CA THR A 141 -4.43 11.22 -9.17
C THR A 141 -5.10 12.56 -8.86
N VAL A 142 -4.66 13.21 -7.79
CA VAL A 142 -5.20 14.50 -7.42
C VAL A 142 -4.02 15.44 -7.59
N THR A 143 -4.15 16.40 -8.50
CA THR A 143 -3.10 17.37 -8.77
C THR A 143 -3.54 18.70 -8.22
N VAL A 144 -2.76 19.28 -7.33
CA VAL A 144 -3.12 20.56 -6.74
C VAL A 144 -2.35 21.71 -7.36
N SER A 145 -3.09 22.65 -7.92
CA SER A 145 -2.51 23.83 -8.55
C SER A 145 -2.36 24.89 -7.48
N SER A 146 -1.14 25.39 -7.31
CA SER A 146 -0.86 26.43 -6.33
C SER A 146 -1.32 27.79 -6.87
N GLY A 147 -2.13 28.47 -6.20
N GLU A 162 5.76 6.23 15.46
CA GLU A 162 5.77 5.63 14.11
C GLU A 162 6.91 4.65 13.92
N ASN A 163 6.58 3.42 13.58
CA ASN A 163 7.60 2.42 13.38
C ASN A 163 8.20 2.56 12.00
N VAL A 164 9.31 3.27 11.92
CA VAL A 164 9.99 3.54 10.66
C VAL A 164 10.74 2.33 10.09
N LEU A 165 10.38 1.95 8.86
CA LEU A 165 11.01 0.86 8.15
C LEU A 165 12.07 1.41 7.22
N THR A 166 13.22 0.74 7.19
CA THR A 166 14.33 1.15 6.36
C THR A 166 14.66 0.01 5.42
N GLN A 167 14.52 0.22 4.12
CA GLN A 167 14.82 -0.83 3.15
C GLN A 167 16.19 -0.64 2.55
N SER A 168 16.85 -1.74 2.22
CA SER A 168 18.16 -1.69 1.60
C SER A 168 18.21 -2.77 0.54
N PRO A 169 18.77 -2.46 -0.64
CA PRO A 169 19.32 -1.14 -0.94
C PRO A 169 18.20 -0.30 -1.58
N ALA A 170 18.40 1.01 -1.69
CA ALA A 170 17.37 1.86 -2.29
C ALA A 170 17.12 1.45 -3.75
N ILE A 171 18.16 0.95 -4.41
CA ILE A 171 18.08 0.52 -5.80
C ILE A 171 19.24 -0.46 -6.08
N MET A 172 19.05 -1.33 -7.07
CA MET A 172 20.07 -2.29 -7.46
C MET A 172 19.74 -2.82 -8.84
N SER A 173 20.72 -3.48 -9.46
CA SER A 173 20.57 -4.08 -10.79
C SER A 173 20.91 -5.57 -10.68
N ALA A 174 20.24 -6.41 -11.45
CA ALA A 174 20.50 -7.85 -11.42
C ALA A 174 20.18 -8.42 -12.80
N SER A 175 20.91 -9.46 -13.19
CA SER A 175 20.68 -10.11 -14.48
C SER A 175 19.87 -11.36 -14.19
N PRO A 176 19.03 -11.81 -15.15
CA PRO A 176 18.28 -13.01 -14.84
C PRO A 176 19.26 -14.13 -14.48
N GLY A 177 18.95 -14.91 -13.46
CA GLY A 177 19.86 -15.96 -13.04
C GLY A 177 20.62 -15.62 -11.76
N GLU A 178 20.69 -14.34 -11.41
CA GLU A 178 21.41 -13.94 -10.18
C GLU A 178 20.53 -14.06 -8.94
N LYS A 179 21.16 -14.18 -7.79
CA LYS A 179 20.45 -14.30 -6.52
C LYS A 179 20.18 -12.89 -6.03
N VAL A 180 19.04 -12.67 -5.39
CA VAL A 180 18.75 -11.32 -4.91
C VAL A 180 18.26 -11.36 -3.48
N THR A 181 18.77 -10.47 -2.65
CA THR A 181 18.35 -10.38 -1.27
C THR A 181 18.15 -8.93 -0.88
N ILE A 182 16.93 -8.54 -0.52
CA ILE A 182 16.68 -7.17 -0.13
C ILE A 182 16.22 -7.18 1.30
N THR A 183 16.64 -6.22 2.09
CA THR A 183 16.27 -6.23 3.47
C THR A 183 15.38 -5.08 3.88
N CYS A 184 14.81 -5.22 5.06
CA CYS A 184 13.93 -4.22 5.58
C CYS A 184 14.05 -4.32 7.08
N SER A 185 14.54 -3.27 7.73
CA SER A 185 14.68 -3.28 9.16
C SER A 185 13.75 -2.24 9.73
N ALA A 186 13.12 -2.59 10.84
CA ALA A 186 12.15 -1.74 11.51
C ALA A 186 12.76 -1.09 12.75
N SER A 187 12.13 -0.01 13.24
CA SER A 187 12.58 0.70 14.44
C SER A 187 12.31 -0.10 15.71
N SER A 188 11.15 -0.73 15.77
CA SER A 188 10.80 -1.56 16.91
C SER A 188 10.34 -2.87 16.35
N SER A 189 10.48 -3.91 17.15
CA SER A 189 10.09 -5.22 16.71
C SER A 189 8.67 -5.22 16.21
N VAL A 190 8.45 -5.98 15.16
CA VAL A 190 7.14 -6.16 14.57
C VAL A 190 6.87 -7.66 14.53
N SER A 191 5.60 -8.02 14.64
CA SER A 191 5.20 -9.42 14.64
C SER A 191 5.51 -10.08 13.29
N TYR A 192 5.10 -9.44 12.21
CA TYR A 192 5.28 -9.96 10.86
C TYR A 192 5.68 -8.84 9.95
N MET A 193 6.10 -9.19 8.73
CA MET A 193 6.48 -8.23 7.70
C MET A 193 5.79 -8.64 6.41
N HIS A 194 5.29 -7.67 5.65
CA HIS A 194 4.62 -7.97 4.39
C HIS A 194 5.38 -7.27 3.30
N TRP A 195 5.24 -7.80 2.09
CA TRP A 195 5.93 -7.25 0.95
C TRP A 195 4.98 -7.09 -0.21
N PHE A 196 5.13 -6.00 -0.94
CA PHE A 196 4.32 -5.69 -2.11
C PHE A 196 5.25 -5.41 -3.25
N GLN A 197 4.84 -5.80 -4.46
CA GLN A 197 5.61 -5.53 -5.65
C GLN A 197 4.80 -4.48 -6.43
N GLN A 198 5.48 -3.49 -7.00
CA GLN A 198 4.80 -2.49 -7.82
C GLN A 198 5.58 -2.26 -9.11
N LYS A 199 4.90 -2.43 -10.23
CA LYS A 199 5.50 -2.21 -11.53
C LYS A 199 5.08 -0.79 -11.94
N PRO A 200 5.83 -0.15 -12.87
CA PRO A 200 5.44 1.21 -13.26
C PRO A 200 4.02 1.27 -13.85
N GLY A 201 3.22 2.17 -13.30
CA GLY A 201 1.87 2.37 -13.77
C GLY A 201 0.80 1.44 -13.24
N THR A 202 1.12 0.67 -12.22
CA THR A 202 0.13 -0.24 -11.67
C THR A 202 0.11 0.04 -10.19
N SER A 203 -0.89 -0.48 -9.50
CA SER A 203 -0.97 -0.31 -8.06
C SER A 203 -0.16 -1.47 -7.40
N PRO A 204 0.18 -1.32 -6.10
CA PRO A 204 0.94 -2.40 -5.46
C PRO A 204 0.19 -3.72 -5.44
N LYS A 205 0.94 -4.81 -5.43
CA LYS A 205 0.35 -6.14 -5.40
C LYS A 205 0.96 -6.95 -4.25
N LEU A 206 0.12 -7.49 -3.36
CA LEU A 206 0.61 -8.29 -2.23
C LEU A 206 1.49 -9.41 -2.79
N TRP A 207 2.69 -9.55 -2.25
CA TRP A 207 3.67 -10.53 -2.74
C TRP A 207 3.95 -11.64 -1.71
N ILE A 208 4.24 -11.22 -0.48
CA ILE A 208 4.54 -12.11 0.63
C ILE A 208 3.82 -11.56 1.83
N TYR A 209 2.99 -12.37 2.47
CA TYR A 209 2.28 -11.94 3.66
C TYR A 209 2.76 -12.73 4.88
N SER A 210 2.58 -12.16 6.08
CA SER A 210 3.03 -12.80 7.31
C SER A 210 4.46 -13.35 7.25
N THR A 211 5.37 -12.47 6.84
CA THR A 211 6.79 -12.78 6.77
C THR A 211 7.30 -13.75 5.72
N SER A 212 6.65 -14.89 5.56
CA SER A 212 7.17 -15.89 4.64
C SER A 212 6.20 -16.57 3.72
N ASN A 213 4.93 -16.20 3.79
CA ASN A 213 3.95 -16.84 2.93
C ASN A 213 3.78 -16.11 1.59
N LEU A 214 3.85 -16.85 0.50
CA LEU A 214 3.72 -16.23 -0.81
C LEU A 214 2.25 -15.94 -1.10
N ALA A 215 1.97 -14.77 -1.67
CA ALA A 215 0.61 -14.42 -2.03
C ALA A 215 0.23 -15.22 -3.28
N SER A 216 -1.05 -15.21 -3.61
CA SER A 216 -1.54 -15.96 -4.77
C SER A 216 -0.84 -15.53 -6.04
N GLY A 217 -0.30 -16.50 -6.76
CA GLY A 217 0.38 -16.21 -8.00
C GLY A 217 1.84 -15.79 -7.93
N VAL A 218 2.40 -15.74 -6.72
CA VAL A 218 3.81 -15.37 -6.57
C VAL A 218 4.66 -16.63 -6.81
N PRO A 219 5.64 -16.56 -7.75
CA PRO A 219 6.45 -17.77 -7.99
C PRO A 219 7.34 -18.23 -6.83
N ALA A 220 7.49 -19.54 -6.73
CA ALA A 220 8.27 -20.17 -5.67
C ALA A 220 9.68 -19.63 -5.49
N ARG A 221 10.27 -19.09 -6.55
CA ARG A 221 11.62 -18.58 -6.44
C ARG A 221 11.72 -17.45 -5.43
N PHE A 222 10.59 -16.89 -5.02
CA PHE A 222 10.59 -15.83 -4.03
C PHE A 222 10.41 -16.45 -2.65
N SER A 223 10.99 -15.81 -1.65
CA SER A 223 10.86 -16.27 -0.28
C SER A 223 11.08 -15.09 0.63
N GLY A 224 10.52 -15.17 1.83
CA GLY A 224 10.68 -14.10 2.77
C GLY A 224 11.04 -14.66 4.12
N SER A 225 11.67 -13.86 4.95
CA SER A 225 12.04 -14.34 6.28
C SER A 225 12.45 -13.19 7.17
N GLY A 226 12.76 -13.52 8.41
CA GLY A 226 13.21 -12.52 9.35
C GLY A 226 12.36 -12.57 10.59
N SER A 227 12.66 -11.71 11.55
CA SER A 227 11.92 -11.63 12.79
C SER A 227 12.37 -10.41 13.56
N GLY A 228 11.58 -10.02 14.54
CA GLY A 228 11.91 -8.86 15.34
C GLY A 228 11.95 -7.59 14.52
N THR A 229 13.13 -7.05 14.30
CA THR A 229 13.27 -5.83 13.53
C THR A 229 13.99 -6.01 12.21
N SER A 230 14.33 -7.25 11.85
CA SER A 230 15.06 -7.47 10.61
C SER A 230 14.41 -8.56 9.76
N TYR A 231 14.03 -8.17 8.54
CA TYR A 231 13.36 -9.05 7.59
C TYR A 231 13.99 -8.95 6.21
N SER A 232 13.74 -9.92 5.36
CA SER A 232 14.31 -9.87 4.03
C SER A 232 13.46 -10.64 3.04
N LEU A 233 13.64 -10.31 1.76
CA LEU A 233 12.95 -10.95 0.66
C LEU A 233 14.12 -11.37 -0.21
N THR A 234 14.08 -12.60 -0.69
CA THR A 234 15.15 -13.15 -1.50
C THR A 234 14.50 -13.73 -2.78
N ILE A 235 15.24 -13.73 -3.89
CA ILE A 235 14.77 -14.32 -5.16
C ILE A 235 15.97 -15.25 -5.41
N SER A 236 15.71 -16.54 -5.49
CA SER A 236 16.77 -17.50 -5.72
C SER A 236 17.47 -17.25 -7.04
N ARG A 237 16.69 -17.12 -8.09
CA ARG A 237 17.22 -16.88 -9.42
C ARG A 237 16.31 -15.85 -10.06
N MET A 238 16.87 -14.67 -10.26
CA MET A 238 16.22 -13.53 -10.87
C MET A 238 15.67 -13.85 -12.26
N GLU A 239 14.47 -13.33 -12.55
CA GLU A 239 13.83 -13.47 -13.85
C GLU A 239 13.61 -12.04 -14.32
N ALA A 240 13.60 -11.84 -15.63
CA ALA A 240 13.40 -10.50 -16.17
C ALA A 240 12.11 -9.89 -15.63
N GLU A 241 11.08 -10.71 -15.51
CA GLU A 241 9.79 -10.24 -15.00
C GLU A 241 9.82 -9.80 -13.53
N ASP A 242 10.93 -10.01 -12.83
CA ASP A 242 10.97 -9.64 -11.42
C ASP A 242 11.43 -8.23 -11.18
N ALA A 243 11.86 -7.56 -12.24
CA ALA A 243 12.29 -6.18 -12.07
C ALA A 243 11.05 -5.38 -11.70
N ALA A 244 11.10 -4.65 -10.59
CA ALA A 244 9.97 -3.85 -10.14
C ALA A 244 10.44 -3.16 -8.87
N THR A 245 9.53 -2.52 -8.16
CA THR A 245 9.88 -1.89 -6.90
C THR A 245 9.23 -2.73 -5.82
N TYR A 246 9.98 -3.04 -4.76
CA TYR A 246 9.44 -3.86 -3.68
C TYR A 246 9.35 -3.06 -2.40
N TYR A 247 8.21 -3.18 -1.72
CA TYR A 247 7.98 -2.46 -0.47
C TYR A 247 7.70 -3.41 0.67
N CYS A 248 8.22 -3.12 1.86
CA CYS A 248 7.86 -3.93 3.02
C CYS A 248 6.88 -3.08 3.79
N GLN A 249 5.94 -3.72 4.46
CA GLN A 249 4.94 -3.01 5.24
C GLN A 249 4.67 -3.75 6.54
N GLN A 250 4.54 -3.02 7.63
CA GLN A 250 4.22 -3.63 8.92
C GLN A 250 2.79 -3.24 9.23
N ARG A 251 2.01 -4.18 9.73
CA ARG A 251 0.62 -3.88 10.06
C ARG A 251 0.40 -4.08 11.56
N SER A 252 1.50 -4.19 12.29
CA SER A 252 1.40 -4.44 13.71
C SER A 252 1.07 -3.21 14.53
N SER A 253 1.42 -2.03 14.03
CA SER A 253 1.12 -0.80 14.77
C SER A 253 0.65 0.35 13.91
N TYR A 254 -0.14 1.23 14.48
CA TYR A 254 -0.64 2.39 13.76
C TYR A 254 0.24 3.58 14.09
N PRO A 255 0.53 4.41 13.08
CA PRO A 255 0.10 4.25 11.70
C PRO A 255 0.83 3.13 10.95
N LEU A 256 0.14 2.40 10.07
CA LEU A 256 0.83 1.37 9.28
C LEU A 256 1.93 2.09 8.51
N THR A 257 3.07 1.45 8.30
CA THR A 257 4.18 2.09 7.61
C THR A 257 4.75 1.19 6.52
N PHE A 258 5.44 1.79 5.57
CA PHE A 258 6.06 1.06 4.48
C PHE A 258 7.51 1.43 4.45
N GLY A 259 8.30 0.65 3.73
CA GLY A 259 9.69 0.98 3.58
C GLY A 259 9.68 1.88 2.39
N ALA A 260 10.79 2.57 2.12
CA ALA A 260 10.78 3.47 1.00
C ALA A 260 10.87 2.74 -0.33
N GLY A 261 11.07 1.43 -0.26
CA GLY A 261 11.16 0.63 -1.46
C GLY A 261 12.54 0.35 -2.00
N THR A 262 12.61 -0.72 -2.76
CA THR A 262 13.85 -1.13 -3.40
C THR A 262 13.51 -1.28 -4.86
N LYS A 263 14.17 -0.50 -5.70
CA LYS A 263 13.93 -0.61 -7.11
C LYS A 263 14.91 -1.63 -7.64
N LEU A 264 14.37 -2.72 -8.19
CA LEU A 264 15.22 -3.75 -8.73
C LEU A 264 15.16 -3.66 -10.24
N GLU A 265 16.23 -3.16 -10.83
CA GLU A 265 16.30 -3.01 -12.26
C GLU A 265 17.02 -4.16 -12.90
N LEU A 266 16.57 -4.50 -14.10
CA LEU A 266 17.17 -5.56 -14.85
C LEU A 266 18.46 -5.01 -15.44
N LYS A 267 19.51 -5.82 -15.39
CA LYS A 267 20.83 -5.45 -15.91
C LYS A 267 21.03 -6.16 -17.25
#